data_4L9D
#
_entry.id   4L9D
#
_cell.length_a   41.800
_cell.length_b   50.833
_cell.length_c   67.297
_cell.angle_alpha   90.00
_cell.angle_beta   90.00
_cell.angle_gamma   90.00
#
_symmetry.space_group_name_H-M   'P 21 21 21'
#
loop_
_entity.id
_entity.type
_entity.pdbx_description
1 polymer Protease
2 non-polymer 'SODIUM ION'
3 non-polymer 'CHLORIDE ION'
4 non-polymer 'CALCIUM ION'
5 non-polymer DI(HYDROXYETHYL)ETHER
6 water water
#
_entity_poly.entity_id   1
_entity_poly.type   'polypeptide(L)'
_entity_poly.pdbx_seq_one_letter_code
;GAMENIAPVARFELKVEGLSVMSQNTSSDSDGNIVSYLWDFGNGQTSTEAAPTWSYTKAGSYSVTLTVTDDKGDSDTHQQ
TIKVDTPN
;
_entity_poly.pdbx_strand_id   A,B
#
loop_
_chem_comp.id
_chem_comp.type
_chem_comp.name
_chem_comp.formula
CA non-polymer 'CALCIUM ION' 'Ca 2'
CL non-polymer 'CHLORIDE ION' 'Cl -1'
NA non-polymer 'SODIUM ION' 'Na 1'
PEG non-polymer DI(HYDROXYETHYL)ETHER 'C4 H10 O3'
#
# COMPACT_ATOMS: atom_id res chain seq x y z
N ILE A 6 -11.34 5.86 -9.78
CA ILE A 6 -11.75 7.23 -9.36
C ILE A 6 -12.39 7.33 -7.93
N ALA A 7 -13.55 6.71 -7.57
CA ALA A 7 -14.18 6.90 -6.24
C ALA A 7 -15.13 5.77 -6.01
N PRO A 8 -15.07 5.17 -4.82
CA PRO A 8 -14.10 5.41 -3.77
C PRO A 8 -12.68 4.92 -4.15
N VAL A 9 -11.73 5.22 -3.30
CA VAL A 9 -10.35 4.74 -3.45
C VAL A 9 -9.97 3.97 -2.20
N ALA A 10 -9.75 2.67 -2.35
CA ALA A 10 -9.27 1.81 -1.27
C ALA A 10 -7.77 2.04 -1.09
N ARG A 11 -7.35 2.14 0.18
CA ARG A 11 -5.91 2.33 0.47
C ARG A 11 -5.67 2.04 1.91
N PHE A 12 -4.49 1.49 2.22
CA PHE A 12 -4.14 1.19 3.60
C PHE A 12 -2.59 1.17 3.71
N GLU A 13 -2.14 1.18 4.96
CA GLU A 13 -0.73 0.90 5.24
C GLU A 13 -0.66 -0.16 6.34
N LEU A 14 0.35 -1.00 6.32
CA LEU A 14 0.49 -2.13 7.25
C LEU A 14 1.78 -2.00 8.05
N LYS A 15 1.70 -2.46 9.29
CA LYS A 15 2.85 -2.59 10.16
CA LYS A 15 2.85 -2.59 10.16
C LYS A 15 2.96 -4.08 10.55
N VAL A 16 4.06 -4.74 10.20
CA VAL A 16 4.27 -6.15 10.43
C VAL A 16 5.27 -6.35 11.53
N GLU A 17 4.88 -7.14 12.53
N GLU A 17 4.99 -7.25 12.46
CA GLU A 17 5.71 -7.54 13.66
CA GLU A 17 5.92 -7.60 13.53
C GLU A 17 5.74 -9.07 13.78
C GLU A 17 5.74 -9.06 13.70
N GLY A 18 6.77 -9.75 13.21
CA GLY A 18 6.75 -11.18 13.25
C GLY A 18 5.69 -11.74 12.32
N LEU A 19 4.78 -12.54 12.86
CA LEU A 19 3.66 -13.09 12.15
C LEU A 19 2.39 -12.23 12.26
N SER A 20 2.44 -11.17 13.06
N SER A 20 2.51 -11.08 12.93
CA SER A 20 1.29 -10.34 13.34
CA SER A 20 1.37 -10.27 13.24
C SER A 20 1.31 -8.97 12.57
C SER A 20 1.35 -9.02 12.37
N VAL A 21 0.13 -8.52 12.15
CA VAL A 21 -0.05 -7.33 11.31
C VAL A 21 -1.09 -6.42 11.92
N MET A 22 -0.76 -5.13 11.92
N MET A 22 -0.73 -5.13 11.94
CA MET A 22 -1.65 -4.04 12.33
CA MET A 22 -1.65 -4.07 12.23
C MET A 22 -1.84 -3.04 11.15
C MET A 22 -1.92 -3.23 10.98
N SER A 23 -3.06 -2.58 10.89
CA SER A 23 -3.44 -1.80 9.73
C SER A 23 -3.81 -0.37 10.08
N GLN A 24 -3.60 0.48 9.11
CA GLN A 24 -4.09 1.87 9.06
CA GLN A 24 -4.14 1.82 9.08
C GLN A 24 -4.92 2.00 7.79
N ASN A 25 -6.18 2.35 7.91
CA ASN A 25 -7.05 2.54 6.71
C ASN A 25 -6.92 3.96 6.23
N THR A 26 -6.46 4.15 5.02
CA THR A 26 -6.21 5.46 4.44
C THR A 26 -7.03 5.68 3.17
N SER A 27 -8.20 5.04 3.12
CA SER A 27 -9.11 5.12 1.99
C SER A 27 -9.83 6.44 1.96
N SER A 28 -10.45 6.79 0.84
CA SER A 28 -11.13 7.99 0.66
C SER A 28 -12.23 7.89 -0.38
N ASP A 29 -13.04 8.93 -0.51
CA ASP A 29 -14.10 8.94 -1.52
C ASP A 29 -14.46 10.38 -1.82
N SER A 30 -14.20 10.80 -3.06
CA SER A 30 -14.47 12.19 -3.51
C SER A 30 -15.92 12.40 -3.90
N ASP A 31 -16.75 11.36 -3.94
N ASP A 31 -16.72 11.33 -3.96
CA ASP A 31 -18.14 11.48 -4.42
CA ASP A 31 -18.09 11.42 -4.44
C ASP A 31 -19.18 10.84 -3.51
C ASP A 31 -19.00 10.53 -3.57
N GLY A 32 -18.81 10.56 -2.26
CA GLY A 32 -19.65 9.82 -1.37
C GLY A 32 -18.91 9.50 -0.09
N ASN A 33 -19.41 8.55 0.63
CA ASN A 33 -18.93 8.17 1.93
C ASN A 33 -18.75 6.66 1.99
N ILE A 34 -17.59 6.19 2.42
CA ILE A 34 -17.33 4.77 2.60
C ILE A 34 -18.15 4.25 3.79
N VAL A 35 -18.85 3.13 3.57
CA VAL A 35 -19.70 2.54 4.57
C VAL A 35 -19.28 1.14 5.00
N SER A 36 -18.49 0.43 4.21
CA SER A 36 -18.12 -0.93 4.57
C SER A 36 -16.78 -1.32 3.95
N TYR A 37 -16.24 -2.36 4.53
CA TYR A 37 -14.90 -2.87 4.26
C TYR A 37 -14.95 -4.40 4.19
N LEU A 38 -14.21 -4.96 3.24
CA LEU A 38 -13.92 -6.40 3.24
C LEU A 38 -12.42 -6.54 3.10
N TRP A 39 -11.77 -6.91 4.17
CA TRP A 39 -10.35 -7.25 4.16
C TRP A 39 -10.21 -8.74 3.93
N ASP A 40 -9.14 -9.08 3.23
CA ASP A 40 -8.86 -10.44 2.78
C ASP A 40 -7.36 -10.62 2.97
N PHE A 41 -6.95 -11.45 3.95
CA PHE A 41 -5.58 -11.46 4.37
C PHE A 41 -4.67 -12.37 3.58
N GLY A 42 -5.20 -13.01 2.54
CA GLY A 42 -4.36 -13.83 1.66
C GLY A 42 -4.06 -15.20 2.24
N ASN A 43 -4.86 -15.65 3.20
CA ASN A 43 -4.65 -16.91 3.92
C ASN A 43 -5.98 -17.62 4.21
N GLY A 44 -7.06 -17.15 3.62
CA GLY A 44 -8.39 -17.71 3.88
C GLY A 44 -9.21 -16.92 4.89
N GLN A 45 -8.54 -15.99 5.62
CA GLN A 45 -9.21 -15.17 6.62
C GLN A 45 -9.68 -13.88 6.00
N THR A 46 -10.78 -13.32 6.55
CA THR A 46 -11.35 -12.03 6.16
C THR A 46 -11.76 -11.24 7.40
N SER A 47 -12.06 -9.98 7.16
CA SER A 47 -12.61 -9.12 8.23
C SER A 47 -13.45 -8.03 7.61
N THR A 48 -14.42 -7.51 8.35
CA THR A 48 -15.22 -6.36 7.97
C THR A 48 -14.86 -5.12 8.81
N GLU A 49 -13.84 -5.20 9.61
CA GLU A 49 -13.45 -4.05 10.43
C GLU A 49 -12.77 -2.98 9.56
N ALA A 50 -12.81 -1.73 10.05
CA ALA A 50 -12.13 -0.68 9.31
C ALA A 50 -10.61 -0.89 9.28
N ALA A 51 -10.02 -1.24 10.45
CA ALA A 51 -8.56 -1.33 10.56
C ALA A 51 -8.21 -2.51 11.49
N PRO A 52 -8.40 -3.73 11.04
CA PRO A 52 -8.19 -4.91 11.88
C PRO A 52 -6.68 -5.15 12.18
N THR A 53 -6.48 -6.03 13.15
CA THR A 53 -5.19 -6.65 13.45
CA THR A 53 -5.21 -6.69 13.38
C THR A 53 -5.37 -8.19 13.21
N TRP A 54 -4.37 -8.84 12.69
CA TRP A 54 -4.48 -10.24 12.36
C TRP A 54 -3.10 -10.89 12.43
N SER A 55 -3.05 -12.22 12.24
CA SER A 55 -1.76 -12.92 12.23
CA SER A 55 -1.79 -12.98 12.30
C SER A 55 -1.85 -14.16 11.37
N TYR A 56 -0.65 -14.61 11.01
CA TYR A 56 -0.45 -15.84 10.24
C TYR A 56 0.20 -16.93 11.14
N THR A 57 0.27 -18.14 10.63
CA THR A 57 0.89 -19.26 11.30
C THR A 57 2.23 -19.64 10.65
N LYS A 58 2.22 -19.76 9.32
CA LYS A 58 3.37 -20.16 8.56
C LYS A 58 4.10 -18.94 8.01
N ALA A 59 5.42 -18.94 8.11
CA ALA A 59 6.22 -17.91 7.40
C ALA A 59 5.95 -17.98 5.94
N GLY A 60 5.97 -16.80 5.29
CA GLY A 60 5.76 -16.73 3.86
C GLY A 60 5.32 -15.40 3.39
N SER A 61 4.88 -15.37 2.14
N SER A 61 4.97 -15.28 2.13
CA SER A 61 4.40 -14.21 1.43
CA SER A 61 4.44 -14.04 1.62
C SER A 61 2.88 -14.30 1.35
C SER A 61 2.96 -14.18 1.28
N TYR A 62 2.19 -13.22 1.75
CA TYR A 62 0.72 -13.18 1.70
C TYR A 62 0.26 -11.90 1.09
N SER A 63 -0.77 -11.97 0.25
N SER A 63 -0.81 -12.00 0.30
CA SER A 63 -1.39 -10.82 -0.34
CA SER A 63 -1.43 -10.86 -0.40
C SER A 63 -2.57 -10.31 0.54
C SER A 63 -2.63 -10.28 0.40
N VAL A 64 -2.45 -9.07 0.94
CA VAL A 64 -3.52 -8.44 1.74
C VAL A 64 -4.32 -7.55 0.80
N THR A 65 -5.62 -7.79 0.73
CA THR A 65 -6.52 -7.09 -0.14
C THR A 65 -7.60 -6.40 0.69
N LEU A 66 -7.90 -5.16 0.35
CA LEU A 66 -8.99 -4.40 0.95
C LEU A 66 -9.94 -3.93 -0.12
N THR A 67 -11.22 -4.20 0.06
CA THR A 67 -12.28 -3.62 -0.74
C THR A 67 -13.08 -2.67 0.14
N VAL A 68 -13.31 -1.47 -0.37
CA VAL A 68 -14.18 -0.51 0.29
C VAL A 68 -15.42 -0.31 -0.59
N THR A 69 -16.57 -0.05 0.06
CA THR A 69 -17.81 0.19 -0.62
C THR A 69 -18.47 1.40 -0.04
N ASP A 70 -19.04 2.26 -0.89
CA ASP A 70 -19.59 3.52 -0.46
C ASP A 70 -21.13 3.53 -0.44
N ASP A 71 -21.65 4.66 0.01
N ASP A 71 -21.67 4.72 -0.19
CA ASP A 71 -23.09 4.90 0.14
CA ASP A 71 -23.08 4.86 0.11
C ASP A 71 -23.92 4.74 -1.13
C ASP A 71 -23.90 4.61 -1.15
N LYS A 72 -23.29 4.88 -2.29
CA LYS A 72 -23.93 4.69 -3.56
C LYS A 72 -23.71 3.30 -4.15
N GLY A 73 -23.08 2.41 -3.40
CA GLY A 73 -22.91 1.03 -3.86
C GLY A 73 -21.69 0.78 -4.74
N ASP A 74 -20.78 1.74 -4.82
CA ASP A 74 -19.55 1.56 -5.62
C ASP A 74 -18.41 1.05 -4.77
N SER A 75 -17.57 0.22 -5.33
CA SER A 75 -16.46 -0.38 -4.62
C SER A 75 -15.12 -0.11 -5.32
N ASP A 76 -14.05 -0.27 -4.55
CA ASP A 76 -12.69 -0.21 -5.04
C ASP A 76 -11.84 -1.10 -4.19
N THR A 77 -10.74 -1.61 -4.75
CA THR A 77 -9.87 -2.56 -4.09
C THR A 77 -8.41 -2.17 -4.23
N HIS A 78 -7.64 -2.39 -3.16
CA HIS A 78 -6.17 -2.21 -3.10
C HIS A 78 -5.55 -3.45 -2.58
N GLN A 79 -4.30 -3.74 -2.94
N GLN A 79 -4.37 -3.83 -3.10
CA GLN A 79 -3.58 -4.85 -2.41
CA GLN A 79 -3.63 -5.02 -2.54
CA GLN A 79 -3.61 -4.99 -2.61
C GLN A 79 -2.17 -4.52 -2.08
C GLN A 79 -2.20 -4.62 -2.30
N GLN A 80 -1.65 -5.28 -1.17
N GLN A 80 -1.58 -5.31 -1.13
CA GLN A 80 -0.23 -5.21 -0.72
CA GLN A 80 -0.16 -5.26 -1.02
C GLN A 80 0.20 -6.61 -0.40
C GLN A 80 0.34 -6.51 -0.32
N THR A 81 1.34 -7.08 -0.93
CA THR A 81 1.93 -8.33 -0.53
C THR A 81 2.97 -8.09 0.53
N ILE A 82 2.90 -8.86 1.58
CA ILE A 82 3.84 -8.80 2.69
C ILE A 82 4.54 -10.10 2.95
N LYS A 83 5.75 -9.97 3.45
N LYS A 83 5.77 -10.02 3.39
N LYS A 83 5.79 -10.06 3.37
CA LYS A 83 6.51 -11.04 4.05
CA LYS A 83 6.52 -11.17 3.86
CA LYS A 83 6.54 -11.23 3.80
C LYS A 83 6.31 -11.07 5.53
C LYS A 83 6.47 -11.14 5.40
C LYS A 83 6.71 -11.28 5.33
N VAL A 84 6.13 -12.30 5.99
CA VAL A 84 6.07 -12.51 7.44
C VAL A 84 7.01 -13.71 7.77
N ASP A 85 7.60 -13.63 8.94
CA ASP A 85 8.50 -14.69 9.36
C ASP A 85 8.23 -15.08 10.80
N THR A 86 8.65 -16.32 11.11
CA THR A 86 8.63 -16.97 12.42
C THR A 86 9.85 -16.51 13.17
N PRO A 87 9.96 -16.85 14.44
CA PRO A 87 11.12 -16.37 15.18
C PRO A 87 12.35 -17.25 14.85
N ILE B 6 -7.58 14.97 -0.39
N ILE B 6 -9.08 19.59 -3.82
CA ILE B 6 -8.33 13.83 -0.99
CA ILE B 6 -8.95 18.18 -3.42
C ILE B 6 -8.17 13.74 -2.52
C ILE B 6 -7.58 17.73 -3.88
N ALA B 7 -7.33 14.63 -3.04
N ALA B 7 -6.87 17.03 -2.99
CA ALA B 7 -7.11 14.74 -4.46
CA ALA B 7 -5.62 16.42 -3.21
C ALA B 7 -5.81 15.49 -4.50
C ALA B 7 -5.79 15.08 -3.92
N PRO B 8 -4.81 14.95 -5.20
N PRO B 8 -4.77 14.73 -4.64
CA PRO B 8 -4.71 13.49 -5.55
CA PRO B 8 -4.78 13.66 -5.57
C PRO B 8 -4.62 12.50 -4.42
C PRO B 8 -4.67 12.55 -4.49
N VAL B 9 -4.76 11.24 -4.86
CA VAL B 9 -4.52 10.10 -3.95
C VAL B 9 -3.31 9.36 -4.50
N ALA B 10 -2.18 9.43 -3.78
CA ALA B 10 -1.03 8.63 -4.07
C ALA B 10 -1.28 7.18 -3.70
N ARG B 11 -0.86 6.26 -4.58
CA ARG B 11 -1.07 4.85 -4.27
C ARG B 11 -0.21 4.05 -5.22
N PHE B 12 0.29 2.90 -4.72
CA PHE B 12 1.10 2.00 -5.53
C PHE B 12 1.02 0.58 -4.95
N GLU B 13 1.50 -0.35 -5.76
CA GLU B 13 1.71 -1.71 -5.32
C GLU B 13 3.13 -2.14 -5.71
N LEU B 14 3.79 -2.88 -4.88
CA LEU B 14 5.20 -3.30 -5.07
C LEU B 14 5.26 -4.80 -5.20
N LYS B 15 6.15 -5.26 -6.07
CA LYS B 15 6.53 -6.67 -6.22
CA LYS B 15 6.51 -6.64 -6.32
C LYS B 15 7.98 -6.77 -5.90
N VAL B 16 8.29 -7.51 -4.83
CA VAL B 16 9.63 -7.71 -4.35
C VAL B 16 10.13 -9.08 -4.69
N GLU B 17 11.32 -9.14 -5.24
CA GLU B 17 12.01 -10.36 -5.58
C GLU B 17 13.41 -10.24 -5.09
N GLY B 18 13.73 -10.92 -4.00
CA GLY B 18 15.00 -10.74 -3.38
C GLY B 18 15.24 -9.33 -2.95
N LEU B 19 16.32 -8.74 -3.44
CA LEU B 19 16.67 -7.36 -3.07
C LEU B 19 16.08 -6.32 -4.03
N SER B 20 15.36 -6.79 -5.06
CA SER B 20 14.85 -5.94 -6.13
C SER B 20 13.38 -5.71 -5.98
N VAL B 21 12.96 -4.55 -6.43
CA VAL B 21 11.58 -4.10 -6.39
C VAL B 21 11.12 -3.58 -7.74
N MET B 22 9.88 -3.95 -8.15
CA MET B 22 9.20 -3.34 -9.25
CA MET B 22 9.18 -3.36 -9.28
C MET B 22 7.90 -2.72 -8.74
N SER B 23 7.50 -1.61 -9.32
CA SER B 23 6.33 -0.88 -8.87
C SER B 23 5.26 -0.80 -9.91
N GLN B 24 4.08 -0.65 -9.39
N GLN B 24 4.01 -0.74 -9.41
CA GLN B 24 2.96 -0.31 -10.17
CA GLN B 24 2.77 -0.36 -10.13
C GLN B 24 2.31 0.95 -9.53
C GLN B 24 2.19 0.95 -9.53
N ASN B 25 2.09 2.03 -10.32
CA ASN B 25 1.56 3.26 -9.78
C ASN B 25 0.05 3.24 -9.98
N THR B 26 -0.70 3.25 -8.91
CA THR B 26 -2.17 3.14 -8.95
C THR B 26 -2.81 4.39 -8.35
N SER B 27 -2.13 5.52 -8.52
CA SER B 27 -2.61 6.81 -8.01
C SER B 27 -3.75 7.35 -8.86
N SER B 28 -4.48 8.31 -8.34
CA SER B 28 -5.59 8.89 -9.04
C SER B 28 -5.79 10.32 -8.57
N ASP B 29 -6.65 11.05 -9.27
CA ASP B 29 -6.93 12.47 -8.92
C ASP B 29 -8.30 12.85 -9.45
N SER B 30 -9.19 13.26 -8.53
CA SER B 30 -10.53 13.72 -8.84
C SER B 30 -10.63 15.20 -9.16
N ASP B 31 -9.54 15.93 -8.99
CA ASP B 31 -9.52 17.36 -9.15
C ASP B 31 -8.16 17.81 -9.65
N GLY B 32 -7.85 17.41 -10.86
CA GLY B 32 -6.65 17.71 -11.57
C GLY B 32 -6.05 16.46 -12.14
N ASN B 33 -4.85 16.62 -12.73
CA ASN B 33 -4.09 15.55 -13.38
C ASN B 33 -2.74 15.43 -12.71
N ILE B 34 -2.37 14.25 -12.30
CA ILE B 34 -1.04 14.01 -11.76
C ILE B 34 0.01 14.25 -12.81
N VAL B 35 1.04 15.02 -12.51
CA VAL B 35 2.08 15.35 -13.47
C VAL B 35 3.50 15.02 -13.01
N SER B 36 3.72 14.89 -11.69
CA SER B 36 5.07 14.60 -11.25
CA SER B 36 5.06 14.69 -11.15
C SER B 36 5.06 13.70 -10.02
N TYR B 37 6.17 13.05 -9.85
CA TYR B 37 6.39 11.98 -8.88
C TYR B 37 7.67 12.12 -8.13
N LEU B 38 7.67 11.78 -6.84
CA LEU B 38 8.89 11.67 -6.05
C LEU B 38 8.77 10.38 -5.27
N TRP B 39 9.53 9.37 -5.67
CA TRP B 39 9.70 8.12 -4.98
C TRP B 39 10.92 8.23 -4.06
N ASP B 40 10.80 7.62 -2.90
CA ASP B 40 11.79 7.69 -1.83
C ASP B 40 11.91 6.28 -1.29
N PHE B 41 13.06 5.62 -1.54
CA PHE B 41 13.16 4.19 -1.36
C PHE B 41 13.51 3.78 0.06
N GLY B 42 13.74 4.73 0.97
CA GLY B 42 14.02 4.42 2.34
C GLY B 42 15.43 4.02 2.65
N ASN B 43 16.34 4.27 1.69
CA ASN B 43 17.77 3.97 1.80
C ASN B 43 18.62 5.21 1.44
N GLY B 44 17.99 6.37 1.27
CA GLY B 44 18.63 7.56 0.78
C GLY B 44 18.42 7.92 -0.66
N GLN B 45 18.00 6.93 -1.48
CA GLN B 45 17.81 7.13 -2.90
C GLN B 45 16.38 7.47 -3.25
N THR B 46 16.22 8.12 -4.40
CA THR B 46 14.96 8.64 -4.88
C THR B 46 14.83 8.39 -6.39
N SER B 47 13.64 8.59 -6.89
CA SER B 47 13.38 8.60 -8.33
C SER B 47 12.22 9.52 -8.64
N THR B 48 12.19 10.08 -9.86
CA THR B 48 11.07 10.86 -10.33
C THR B 48 10.29 10.17 -11.45
N GLU B 49 10.56 8.90 -11.72
CA GLU B 49 9.80 8.12 -12.68
C GLU B 49 8.42 7.79 -12.13
N ALA B 50 7.48 7.53 -13.02
CA ALA B 50 6.14 7.11 -12.58
C ALA B 50 6.13 5.79 -11.83
N ALA B 51 6.86 4.82 -12.34
CA ALA B 51 6.81 3.45 -11.77
C ALA B 51 8.19 2.78 -11.95
N PRO B 52 9.16 3.24 -11.16
CA PRO B 52 10.55 2.72 -11.31
C PRO B 52 10.71 1.32 -10.78
N THR B 53 11.86 0.75 -11.17
CA THR B 53 12.44 -0.46 -10.58
C THR B 53 13.71 -0.05 -9.86
N TRP B 54 14.02 -0.69 -8.77
CA TRP B 54 15.20 -0.40 -7.96
C TRP B 54 15.61 -1.63 -7.14
N SER B 55 16.77 -1.58 -6.55
N SER B 55 16.84 -1.57 -6.64
CA SER B 55 17.20 -2.65 -5.68
CA SER B 55 17.38 -2.60 -5.75
C SER B 55 17.99 -2.06 -4.54
C SER B 55 18.02 -2.01 -4.51
N TYR B 56 18.04 -2.82 -3.46
CA TYR B 56 18.80 -2.54 -2.24
C TYR B 56 20.07 -3.37 -2.25
N THR B 57 21.05 -2.93 -1.56
CA THR B 57 22.28 -3.72 -1.47
C THR B 57 22.42 -4.63 -0.26
N LYS B 58 21.61 -4.43 0.77
CA LYS B 58 21.64 -5.17 2.02
C LYS B 58 20.21 -5.55 2.40
N ALA B 59 20.08 -6.75 2.94
CA ALA B 59 18.79 -7.18 3.51
C ALA B 59 18.39 -6.26 4.62
N GLY B 60 17.11 -6.02 4.76
CA GLY B 60 16.60 -5.20 5.84
C GLY B 60 15.18 -4.78 5.57
N SER B 61 14.67 -3.86 6.39
N SER B 61 14.67 -3.95 6.47
CA SER B 61 13.36 -3.33 6.21
CA SER B 61 13.38 -3.32 6.34
C SER B 61 13.44 -1.85 5.88
C SER B 61 13.63 -1.91 5.72
N TYR B 62 12.78 -1.50 4.77
CA TYR B 62 12.87 -0.19 4.16
C TYR B 62 11.47 0.36 3.94
N SER B 63 11.29 1.64 4.20
N SER B 63 11.30 1.65 4.15
CA SER B 63 10.03 2.35 3.95
CA SER B 63 10.05 2.35 3.86
C SER B 63 10.06 3.02 2.59
C SER B 63 10.12 2.95 2.48
N VAL B 64 9.14 2.59 1.69
CA VAL B 64 9.02 3.14 0.36
C VAL B 64 7.89 4.15 0.38
N THR B 65 8.19 5.41 -0.03
CA THR B 65 7.25 6.49 0.01
C THR B 65 7.12 7.06 -1.43
N LEU B 66 5.87 7.34 -1.82
CA LEU B 66 5.60 7.99 -3.08
C LEU B 66 4.79 9.24 -2.80
N THR B 67 5.23 10.39 -3.39
CA THR B 67 4.47 11.62 -3.41
C THR B 67 4.12 11.91 -4.86
N VAL B 68 2.85 12.15 -5.10
CA VAL B 68 2.37 12.61 -6.41
C VAL B 68 1.96 14.07 -6.31
N THR B 69 2.21 14.81 -7.38
CA THR B 69 1.89 16.23 -7.43
C THR B 69 1.09 16.44 -8.73
N ASP B 70 0.01 17.17 -8.61
CA ASP B 70 -0.87 17.42 -9.74
C ASP B 70 -0.71 18.81 -10.33
N ASP B 71 -1.40 19.03 -11.44
CA ASP B 71 -1.29 20.23 -12.22
C ASP B 71 -2.05 21.41 -11.64
N LYS B 72 -2.63 21.22 -10.45
CA LYS B 72 -3.22 22.27 -9.66
C LYS B 72 -2.34 22.67 -8.48
N GLY B 73 -1.23 21.95 -8.29
CA GLY B 73 -0.27 22.21 -7.19
C GLY B 73 -0.52 21.41 -5.92
N ASP B 74 -1.46 20.47 -5.92
CA ASP B 74 -1.69 19.62 -4.75
C ASP B 74 -0.80 18.40 -4.77
N SER B 75 -0.41 17.93 -3.63
CA SER B 75 0.37 16.73 -3.47
C SER B 75 -0.29 15.78 -2.52
N ASP B 76 0.09 14.50 -2.59
CA ASP B 76 -0.36 13.48 -1.65
C ASP B 76 0.70 12.41 -1.58
N THR B 77 0.76 11.66 -0.45
CA THR B 77 1.82 10.70 -0.19
C THR B 77 1.21 9.38 0.33
N HIS B 78 1.83 8.28 -0.11
CA HIS B 78 1.52 6.90 0.35
C HIS B 78 2.83 6.24 0.73
N GLN B 79 2.83 5.41 1.80
N GLN B 79 2.78 5.26 1.65
CA GLN B 79 4.04 4.72 2.32
CA GLN B 79 3.96 4.59 2.07
C GLN B 79 3.79 3.19 2.56
C GLN B 79 3.67 3.10 2.32
N GLN B 80 4.78 2.36 2.17
N GLN B 80 4.68 2.32 2.14
CA GLN B 80 4.76 0.84 2.20
CA GLN B 80 4.64 1.02 2.76
C GLN B 80 6.11 0.44 2.85
C GLN B 80 6.03 0.49 2.93
N THR B 81 6.17 -0.22 4.02
CA THR B 81 7.40 -0.76 4.47
C THR B 81 7.55 -2.19 4.00
N ILE B 82 8.69 -2.50 3.42
CA ILE B 82 8.99 -3.81 2.88
C ILE B 82 10.19 -4.47 3.53
N LYS B 83 10.17 -5.77 3.76
N LYS B 83 10.12 -5.79 3.50
CA LYS B 83 11.34 -6.51 4.30
CA LYS B 83 11.21 -6.63 3.95
C LYS B 83 11.95 -7.31 3.15
C LYS B 83 11.91 -7.10 2.73
N VAL B 84 13.21 -6.97 2.74
CA VAL B 84 13.91 -7.53 1.59
C VAL B 84 15.10 -8.43 2.13
N ASP B 85 15.33 -9.48 1.38
CA ASP B 85 16.45 -10.37 1.69
C ASP B 85 17.00 -11.01 0.39
N THR B 86 18.00 -11.80 0.53
CA THR B 86 18.19 -12.95 -0.41
C THR B 86 19.09 -13.90 0.29
NA NA C . -16.45 11.98 0.60
CL CL D . 7.22 -7.08 2.95
CL CL E . -0.28 -19.18 7.82
CA CA F . -6.01 18.96 -6.99
NA NA G . -8.36 13.75 -12.84
NA NA H . -1.93 17.29 0.11
CL CL I . -4.25 11.77 -12.77
C1 PEG J . 18.77 9.34 -5.29
O1 PEG J . 18.43 10.81 -5.27
C2 PEG J . 18.65 8.25 -6.32
O2 PEG J . 19.75 7.40 -6.76
C3 PEG J . 20.22 7.30 -8.10
C4 PEG J . 21.58 6.52 -8.14
O4 PEG J . 21.88 5.23 -7.46
#